data_8ST6
#
_entry.id   8ST6
#
_cell.length_a   46.067
_cell.length_b   57.695
_cell.length_c   75.952
_cell.angle_alpha   90.000
_cell.angle_beta   90.000
_cell.angle_gamma   90.000
#
_symmetry.space_group_name_H-M   'P 21 21 21'
#
loop_
_entity.id
_entity.type
_entity.pdbx_description
1 polymer 'Streptococcal hemagglutinin'
2 non-polymer 'SODIUM ION'
3 non-polymer 'methyl 3-O-[3,5-dideoxy-5-(2-hydroxyacetamido)-L-glycero-alpha-D-gulo-non-2-ulopyranonosyl]-beta-D-talopyranoside'
4 water water
#
_entity_poly.entity_id   1
_entity_poly.type   'polypeptide(L)'
_entity_poly.pdbx_seq_one_letter_code
;LNTNQSVSARNQNARVRTRRAVAANDTEAPQVKSGDYVVYRGESFEYYAEITDNSGQVNRVVIRNVEGGANSTYLSPNWV
KYSTENLGRPGNATVQNPLRTRIFGEVPLNEIVNEKSYYTRYIVAWDPSGNATQMVDNANRNGLERFVLTVKSQNEKYDP
AESSVTYVNNLSNLSTSEREAVAAAVRAANPNIPPTAKITVSQNGTVTITYPDKSTDTIPANRVVKDLQISKSN
;
_entity_poly.pdbx_strand_id   A
#
loop_
_chem_comp.id
_chem_comp.type
_chem_comp.name
_chem_comp.formula
NA non-polymer 'SODIUM ION' 'Na 1'
USR non-polymer 'methyl 3-O-[3,5-dideoxy-5-(2-hydroxyacetamido)-L-glycero-alpha-D-gulo-non-2-ulopyranonosyl]-beta-D-talopyranoside' 'C18 H31 N O15'
#
# COMPACT_ATOMS: atom_id res chain seq x y z
N GLU A 28 -15.64 -26.51 -13.68
CA GLU A 28 -15.30 -25.39 -12.82
C GLU A 28 -14.01 -24.68 -13.24
N ALA A 29 -13.99 -23.37 -13.10
CA ALA A 29 -12.83 -22.56 -13.48
C ALA A 29 -11.94 -22.36 -12.28
N PRO A 30 -10.73 -21.88 -12.48
CA PRO A 30 -9.84 -21.59 -11.36
C PRO A 30 -10.44 -20.55 -10.42
N GLN A 31 -10.21 -20.76 -9.14
CA GLN A 31 -10.72 -19.93 -8.08
C GLN A 31 -9.59 -19.08 -7.52
N VAL A 32 -9.89 -17.83 -7.19
CA VAL A 32 -8.88 -16.85 -6.82
C VAL A 32 -9.18 -16.26 -5.45
N LYS A 33 -8.12 -16.10 -4.68
CA LYS A 33 -8.19 -15.40 -3.39
C LYS A 33 -7.13 -14.24 -3.45
N SER A 34 -7.63 -13.01 -3.42
CA SER A 34 -6.76 -11.84 -3.50
C SER A 34 -6.77 -11.13 -2.14
N GLY A 35 -7.07 -9.84 -2.09
CA GLY A 35 -7.07 -9.13 -0.82
C GLY A 35 -7.36 -7.67 -1.05
N ASP A 36 -7.08 -6.86 -0.04
CA ASP A 36 -7.30 -5.41 -0.05
C ASP A 36 -5.96 -4.77 -0.36
N TYR A 37 -5.73 -4.41 -1.61
CA TYR A 37 -4.40 -4.06 -2.07
C TYR A 37 -4.19 -2.55 -2.03
N VAL A 38 -3.81 -2.06 -0.86
CA VAL A 38 -3.54 -0.64 -0.65
C VAL A 38 -2.09 -0.36 -1.04
N VAL A 39 -1.89 0.72 -1.77
CA VAL A 39 -0.57 1.15 -2.21
C VAL A 39 -0.45 2.65 -1.94
N TYR A 40 0.78 3.15 -1.97
CA TYR A 40 1.08 4.49 -1.48
C TYR A 40 2.05 5.18 -2.43
N ARG A 41 1.76 6.45 -2.72
CA ARG A 41 2.64 7.26 -3.56
C ARG A 41 4.07 7.23 -3.04
N GLY A 42 5.01 7.09 -3.97
CA GLY A 42 6.43 7.12 -3.63
C GLY A 42 6.96 5.81 -3.08
N GLU A 43 6.13 4.76 -3.07
CA GLU A 43 6.49 3.51 -2.43
C GLU A 43 6.27 2.33 -3.37
N SER A 44 7.11 1.33 -3.21
CA SER A 44 6.89 0.04 -3.85
C SER A 44 5.84 -0.76 -3.09
N PHE A 45 5.16 -1.64 -3.81
CA PHE A 45 4.21 -2.55 -3.21
C PHE A 45 4.40 -3.94 -3.80
N GLU A 46 3.91 -4.92 -3.04
CA GLU A 46 3.96 -6.32 -3.46
C GLU A 46 2.91 -7.09 -2.70
N TYR A 47 2.01 -7.73 -3.44
CA TYR A 47 1.00 -8.60 -2.89
C TYR A 47 1.01 -9.90 -3.70
N TYR A 48 0.46 -10.95 -3.11
CA TYR A 48 0.30 -12.22 -3.82
C TYR A 48 -1.14 -12.69 -3.75
N ALA A 49 -1.68 -13.10 -4.89
CA ALA A 49 -2.98 -13.76 -4.94
C ALA A 49 -2.75 -15.27 -5.06
N GLU A 50 -3.69 -16.04 -4.52
N GLU A 50 -3.72 -16.04 -4.59
CA GLU A 50 -3.63 -17.49 -4.57
CA GLU A 50 -3.62 -17.49 -4.57
C GLU A 50 -4.70 -18.00 -5.53
C GLU A 50 -4.72 -18.11 -5.42
N ILE A 51 -4.36 -19.05 -6.29
CA ILE A 51 -5.25 -19.58 -7.31
C ILE A 51 -5.24 -21.10 -7.22
N THR A 52 -6.42 -21.70 -7.24
CA THR A 52 -6.59 -23.15 -7.21
C THR A 52 -7.55 -23.56 -8.32
N ASP A 53 -7.44 -24.81 -8.73
CA ASP A 53 -8.33 -25.36 -9.73
C ASP A 53 -8.60 -26.82 -9.39
N ASN A 54 -9.81 -27.27 -9.69
CA ASN A 54 -10.18 -28.66 -9.40
C ASN A 54 -9.38 -29.65 -10.23
N SER A 55 -8.79 -29.22 -11.35
CA SER A 55 -7.89 -30.05 -12.14
C SER A 55 -6.49 -30.11 -11.56
N GLY A 56 -6.20 -29.25 -10.58
CA GLY A 56 -4.87 -29.08 -10.04
C GLY A 56 -3.92 -28.27 -10.88
N GLN A 57 -4.37 -27.73 -12.01
CA GLN A 57 -3.46 -27.07 -12.94
C GLN A 57 -4.05 -25.79 -13.48
N VAL A 58 -3.22 -24.75 -13.55
CA VAL A 58 -3.54 -23.48 -14.19
C VAL A 58 -2.47 -23.19 -15.23
N ASN A 59 -2.90 -22.80 -16.43
CA ASN A 59 -1.94 -22.56 -17.51
C ASN A 59 -1.68 -21.09 -17.81
N ARG A 60 -2.54 -20.19 -17.38
CA ARG A 60 -2.39 -18.79 -17.72
C ARG A 60 -3.10 -17.96 -16.66
N VAL A 61 -2.54 -16.79 -16.36
CA VAL A 61 -3.16 -15.83 -15.46
C VAL A 61 -3.02 -14.45 -16.08
N VAL A 62 -4.13 -13.73 -16.17
CA VAL A 62 -4.17 -12.35 -16.64
C VAL A 62 -4.81 -11.51 -15.55
N ILE A 63 -4.26 -10.32 -15.31
CA ILE A 63 -4.89 -9.32 -14.47
C ILE A 63 -5.29 -8.17 -15.37
N ARG A 64 -6.54 -7.71 -15.27
CA ARG A 64 -7.07 -6.82 -16.29
C ARG A 64 -8.15 -5.88 -15.76
N ASN A 65 -8.33 -4.78 -16.48
CA ASN A 65 -9.50 -3.94 -16.32
C ASN A 65 -10.73 -4.70 -16.84
N VAL A 66 -11.91 -4.32 -16.33
CA VAL A 66 -13.14 -5.01 -16.75
C VAL A 66 -13.41 -4.84 -18.24
N GLU A 67 -13.03 -3.71 -18.81
CA GLU A 67 -13.43 -3.38 -20.17
C GLU A 67 -12.66 -4.23 -21.18
N GLY A 68 -13.32 -4.58 -22.27
CA GLY A 68 -12.63 -5.07 -23.45
C GLY A 68 -12.99 -6.47 -23.96
N GLY A 69 -13.82 -7.25 -23.28
CA GLY A 69 -14.17 -8.55 -23.84
C GLY A 69 -13.15 -9.63 -23.55
N ALA A 70 -13.47 -10.86 -23.99
CA ALA A 70 -12.80 -12.04 -23.46
C ALA A 70 -11.30 -12.09 -23.76
N ASN A 71 -10.87 -11.48 -24.85
CA ASN A 71 -9.48 -11.55 -25.27
C ASN A 71 -8.62 -10.43 -24.69
N SER A 72 -9.21 -9.47 -23.98
CA SER A 72 -8.44 -8.32 -23.55
C SER A 72 -7.48 -8.65 -22.41
N THR A 73 -6.27 -8.09 -22.48
CA THR A 73 -5.31 -8.10 -21.39
C THR A 73 -4.99 -6.70 -20.89
N TYR A 74 -5.77 -5.70 -21.29
CA TYR A 74 -5.44 -4.32 -20.93
C TYR A 74 -5.56 -4.14 -19.42
N LEU A 75 -4.50 -3.60 -18.82
CA LEU A 75 -4.45 -3.32 -17.39
C LEU A 75 -3.86 -1.94 -17.19
N SER A 76 -4.53 -1.11 -16.42
CA SER A 76 -3.99 0.18 -16.02
C SER A 76 -4.18 0.34 -14.52
N PRO A 77 -3.45 1.29 -13.88
CA PRO A 77 -2.33 2.09 -14.39
C PRO A 77 -1.19 1.23 -14.89
N ASN A 78 -0.36 1.78 -15.78
CA ASN A 78 0.69 1.01 -16.41
C ASN A 78 1.76 0.56 -15.41
N TRP A 79 1.81 1.15 -14.21
CA TRP A 79 2.82 0.76 -13.22
C TRP A 79 2.43 -0.48 -12.41
N VAL A 80 1.23 -1.00 -12.60
CA VAL A 80 0.83 -2.25 -11.97
C VAL A 80 1.41 -3.40 -12.80
N LYS A 81 2.30 -4.16 -12.19
CA LYS A 81 2.92 -5.32 -12.83
C LYS A 81 2.45 -6.60 -12.14
N TYR A 82 2.62 -7.72 -12.83
CA TYR A 82 2.34 -9.00 -12.21
C TYR A 82 3.11 -10.10 -12.91
N SER A 83 3.25 -11.22 -12.22
CA SER A 83 3.98 -12.36 -12.72
C SER A 83 3.50 -13.59 -11.98
N THR A 84 3.53 -14.73 -12.66
CA THR A 84 3.14 -16.00 -12.07
C THR A 84 4.19 -17.06 -12.38
N GLU A 85 4.85 -17.56 -11.36
CA GLU A 85 5.80 -18.64 -11.50
C GLU A 85 5.10 -19.99 -11.63
N ASN A 86 5.78 -20.92 -12.30
CA ASN A 86 5.36 -22.32 -12.29
C ASN A 86 4.06 -22.56 -13.06
N LEU A 87 3.79 -21.75 -14.09
CA LEU A 87 2.60 -21.95 -14.90
C LEU A 87 2.71 -23.23 -15.72
N GLY A 88 1.55 -23.83 -15.99
CA GLY A 88 1.46 -24.91 -16.97
C GLY A 88 1.99 -26.25 -16.53
N ARG A 89 2.06 -26.51 -15.23
CA ARG A 89 2.58 -27.76 -14.73
C ARG A 89 1.51 -28.49 -13.93
N PRO A 90 1.40 -29.81 -14.06
CA PRO A 90 0.42 -30.55 -13.26
C PRO A 90 0.60 -30.25 -11.79
N GLY A 91 -0.52 -30.12 -11.08
CA GLY A 91 -0.45 -29.92 -9.65
C GLY A 91 0.09 -28.58 -9.21
N ASN A 92 0.13 -27.59 -10.09
CA ASN A 92 0.65 -26.29 -9.68
C ASN A 92 -0.40 -25.42 -8.98
N ALA A 93 -1.64 -25.88 -8.85
CA ALA A 93 -2.75 -25.05 -8.39
C ALA A 93 -3.70 -25.87 -7.52
N THR A 94 -3.18 -26.45 -6.45
CA THR A 94 -3.99 -27.28 -5.56
C THR A 94 -4.34 -26.51 -4.29
N VAL A 95 -5.36 -27.01 -3.59
CA VAL A 95 -5.76 -26.41 -2.32
C VAL A 95 -4.57 -26.36 -1.37
N GLN A 96 -3.77 -27.41 -1.32
CA GLN A 96 -2.68 -27.47 -0.37
C GLN A 96 -1.48 -26.63 -0.78
N ASN A 97 -1.36 -26.26 -2.05
CA ASN A 97 -0.25 -25.43 -2.49
C ASN A 97 -0.73 -24.63 -3.68
N PRO A 98 -1.49 -23.56 -3.43
CA PRO A 98 -2.07 -22.80 -4.53
C PRO A 98 -0.99 -22.17 -5.38
N LEU A 99 -1.34 -21.97 -6.65
CA LEU A 99 -0.53 -21.13 -7.53
C LEU A 99 -0.56 -19.72 -6.96
N ARG A 100 0.55 -19.02 -7.06
CA ARG A 100 0.58 -17.65 -6.55
C ARG A 100 1.01 -16.67 -7.62
N THR A 101 0.32 -15.55 -7.68
CA THR A 101 0.60 -14.49 -8.63
C THR A 101 1.07 -13.27 -7.86
N ARG A 102 2.27 -12.80 -8.19
CA ARG A 102 2.81 -11.58 -7.61
C ARG A 102 2.21 -10.38 -8.32
N ILE A 103 1.74 -9.41 -7.54
CA ILE A 103 1.18 -8.16 -8.04
C ILE A 103 2.02 -7.06 -7.39
N PHE A 104 2.70 -6.25 -8.20
CA PHE A 104 3.75 -5.41 -7.65
C PHE A 104 3.99 -4.19 -8.51
N GLY A 105 4.76 -3.25 -7.96
CA GLY A 105 5.13 -2.07 -8.70
C GLY A 105 5.62 -0.97 -7.79
N GLU A 106 5.81 0.19 -8.41
CA GLU A 106 6.25 1.41 -7.76
C GLU A 106 5.22 2.49 -8.09
N VAL A 107 4.63 3.09 -7.05
CA VAL A 107 3.61 4.11 -7.26
C VAL A 107 4.29 5.45 -7.51
N PRO A 108 4.02 6.12 -8.63
CA PRO A 108 4.65 7.43 -8.87
C PRO A 108 4.21 8.48 -7.86
N LEU A 109 5.08 9.47 -7.66
CA LEU A 109 4.75 10.60 -6.80
C LEU A 109 3.63 11.47 -7.38
N ASN A 110 3.43 11.43 -8.69
CA ASN A 110 2.46 12.29 -9.35
C ASN A 110 1.06 11.68 -9.46
N GLU A 111 0.79 10.57 -8.79
CA GLU A 111 -0.56 9.99 -8.83
C GLU A 111 -1.54 10.93 -8.13
N ILE A 112 -2.78 10.94 -8.62
CA ILE A 112 -3.83 11.70 -7.95
C ILE A 112 -4.38 10.85 -6.80
N VAL A 113 -4.55 11.48 -5.64
CA VAL A 113 -5.07 10.80 -4.47
C VAL A 113 -6.33 11.52 -4.01
N ASN A 114 -7.39 10.75 -3.84
CA ASN A 114 -8.62 11.21 -3.25
C ASN A 114 -9.42 9.96 -2.89
N GLU A 115 -10.63 10.19 -2.39
CA GLU A 115 -11.50 9.10 -1.98
C GLU A 115 -11.85 8.17 -3.13
N LYS A 116 -11.76 8.62 -4.37
CA LYS A 116 -12.07 7.78 -5.52
C LYS A 116 -10.84 7.23 -6.24
N SER A 117 -9.64 7.36 -5.66
CA SER A 117 -8.39 6.97 -6.33
C SER A 117 -8.11 5.49 -6.08
N TYR A 118 -9.07 4.70 -6.50
CA TYR A 118 -8.93 3.27 -6.52
C TYR A 118 -9.31 2.73 -7.89
N TYR A 119 -8.90 1.50 -8.09
CA TYR A 119 -8.95 0.82 -9.37
C TYR A 119 -9.37 -0.60 -9.09
N THR A 120 -10.53 -0.99 -9.60
CA THR A 120 -11.05 -2.33 -9.41
C THR A 120 -10.62 -3.18 -10.59
N ARG A 121 -9.97 -4.30 -10.30
CA ARG A 121 -9.35 -5.13 -11.33
C ARG A 121 -9.75 -6.58 -11.11
N TYR A 122 -9.49 -7.39 -12.13
CA TYR A 122 -9.93 -8.78 -12.16
C TYR A 122 -8.76 -9.70 -12.48
N ILE A 123 -8.68 -10.80 -11.74
CA ILE A 123 -7.71 -11.86 -11.96
C ILE A 123 -8.43 -12.99 -12.68
N VAL A 124 -7.95 -13.33 -13.88
CA VAL A 124 -8.54 -14.37 -14.72
C VAL A 124 -7.49 -15.44 -14.93
N ALA A 125 -7.83 -16.67 -14.55
CA ALA A 125 -6.94 -17.82 -14.73
C ALA A 125 -7.66 -18.86 -15.58
N TRP A 126 -6.86 -19.62 -16.33
CA TRP A 126 -7.35 -20.64 -17.26
C TRP A 126 -6.83 -22.01 -16.83
N ASP A 127 -7.73 -23.00 -16.80
CA ASP A 127 -7.33 -24.37 -16.55
C ASP A 127 -7.03 -25.09 -17.87
N PRO A 128 -6.59 -26.34 -17.83
CA PRO A 128 -6.23 -27.03 -19.08
C PRO A 128 -7.38 -27.21 -20.07
N SER A 129 -8.63 -27.18 -19.62
CA SER A 129 -9.77 -27.27 -20.53
C SER A 129 -10.20 -25.92 -21.10
N GLY A 130 -9.52 -24.84 -20.74
CA GLY A 130 -9.91 -23.53 -21.21
C GLY A 130 -11.00 -22.84 -20.41
N ASN A 131 -11.41 -23.40 -19.28
CA ASN A 131 -12.36 -22.69 -18.42
C ASN A 131 -11.63 -21.53 -17.77
N ALA A 132 -12.16 -20.33 -17.91
CA ALA A 132 -11.55 -19.15 -17.34
C ALA A 132 -12.39 -18.64 -16.18
N THR A 133 -11.73 -18.13 -15.15
CA THR A 133 -12.40 -17.49 -14.04
C THR A 133 -13.34 -16.41 -14.56
N GLN A 134 -14.56 -16.40 -14.04
CA GLN A 134 -15.56 -15.45 -14.53
C GLN A 134 -15.39 -14.10 -13.84
N MET A 135 -15.62 -13.04 -14.61
CA MET A 135 -15.59 -11.69 -14.10
C MET A 135 -17.02 -11.29 -13.74
N VAL A 136 -17.25 -11.02 -12.47
CA VAL A 136 -18.56 -10.64 -11.93
C VAL A 136 -18.41 -9.27 -11.30
N ASP A 137 -19.18 -8.31 -11.78
CA ASP A 137 -19.04 -6.92 -11.36
C ASP A 137 -19.90 -6.68 -10.13
N ASN A 138 -19.32 -6.99 -8.97
CA ASN A 138 -20.02 -6.88 -7.70
C ASN A 138 -18.99 -6.78 -6.60
N ALA A 139 -19.16 -5.78 -5.72
CA ALA A 139 -18.22 -5.57 -4.63
C ALA A 139 -18.17 -6.76 -3.68
N ASN A 140 -19.19 -7.64 -3.71
CA ASN A 140 -19.15 -8.81 -2.85
CA ASN A 140 -19.61 -9.04 -2.51
C ASN A 140 -18.15 -9.86 -3.33
N ARG A 141 -17.54 -9.66 -4.49
CA ARG A 141 -16.45 -10.51 -4.96
C ARG A 141 -15.09 -9.94 -4.63
N ASN A 142 -15.02 -8.77 -4.01
CA ASN A 142 -13.73 -8.19 -3.70
C ASN A 142 -12.99 -9.09 -2.72
N GLY A 143 -11.70 -9.26 -2.96
CA GLY A 143 -10.88 -10.20 -2.23
C GLY A 143 -10.87 -11.60 -2.80
N LEU A 144 -11.69 -11.88 -3.81
CA LEU A 144 -11.64 -13.14 -4.55
C LEU A 144 -10.95 -12.87 -5.88
N GLU A 145 -11.61 -13.16 -7.00
CA GLU A 145 -11.00 -12.83 -8.29
C GLU A 145 -11.04 -11.33 -8.60
N ARG A 146 -11.89 -10.57 -7.91
CA ARG A 146 -11.97 -9.12 -8.05
C ARG A 146 -11.25 -8.49 -6.88
N PHE A 147 -10.51 -7.41 -7.15
CA PHE A 147 -9.82 -6.72 -6.08
C PHE A 147 -9.79 -5.24 -6.36
N VAL A 148 -9.65 -4.47 -5.29
CA VAL A 148 -9.51 -3.03 -5.36
C VAL A 148 -8.07 -2.68 -5.02
N LEU A 149 -7.44 -1.95 -5.94
CA LEU A 149 -6.15 -1.33 -5.74
C LEU A 149 -6.39 0.11 -5.33
N THR A 150 -6.10 0.43 -4.08
CA THR A 150 -6.36 1.76 -3.55
C THR A 150 -5.05 2.53 -3.42
N VAL A 151 -4.97 3.67 -4.10
CA VAL A 151 -3.80 4.54 -4.03
C VAL A 151 -4.03 5.58 -2.95
N LYS A 152 -3.12 5.62 -1.97
CA LYS A 152 -3.16 6.60 -0.90
C LYS A 152 -1.91 7.47 -0.93
N SER A 153 -1.99 8.60 -0.21
CA SER A 153 -0.82 9.44 -0.08
C SER A 153 0.20 8.76 0.82
N GLN A 154 1.46 9.15 0.67
CA GLN A 154 2.55 8.47 1.34
C GLN A 154 2.42 8.54 2.85
N ASN A 155 1.92 9.66 3.38
CA ASN A 155 1.78 9.79 4.82
C ASN A 155 0.94 8.66 5.41
N GLU A 156 0.00 8.12 4.63
CA GLU A 156 -0.92 7.11 5.16
C GLU A 156 -0.25 5.78 5.43
N LYS A 157 0.94 5.55 4.87
CA LYS A 157 1.68 4.32 5.13
C LYS A 157 2.31 4.33 6.51
N TYR A 158 2.45 5.50 7.13
CA TYR A 158 3.26 5.67 8.32
C TYR A 158 2.40 6.19 9.48
N ASP A 159 2.72 5.70 10.67
CA ASP A 159 2.02 6.06 11.90
C ASP A 159 3.14 6.51 12.84
N PRO A 160 3.55 7.78 12.76
CA PRO A 160 4.74 8.21 13.50
C PRO A 160 4.57 7.98 14.99
N ALA A 161 5.60 7.42 15.62
CA ALA A 161 5.62 7.24 17.06
C ALA A 161 5.74 8.59 17.76
N GLU A 162 4.94 8.78 18.81
CA GLU A 162 4.87 10.02 19.57
C GLU A 162 5.42 9.81 20.98
N SER A 163 6.37 8.88 21.09
CA SER A 163 6.86 8.36 22.35
C SER A 163 8.17 9.01 22.79
N SER A 164 8.58 10.07 22.14
CA SER A 164 9.76 10.82 22.56
C SER A 164 9.31 11.98 23.44
N VAL A 165 10.21 12.45 24.30
CA VAL A 165 9.95 13.64 25.10
C VAL A 165 11.19 14.51 25.18
N THR A 166 11.04 15.79 24.82
CA THR A 166 12.11 16.77 24.86
C THR A 166 11.66 17.90 25.79
N TYR A 167 12.46 18.17 26.82
CA TYR A 167 12.20 19.29 27.72
C TYR A 167 12.86 20.55 27.17
N VAL A 168 12.08 21.62 27.08
CA VAL A 168 12.53 22.89 26.54
C VAL A 168 12.37 23.95 27.63
N ASN A 169 12.94 25.12 27.37
CA ASN A 169 12.88 26.16 28.38
C ASN A 169 11.47 26.74 28.49
N ASN A 170 10.83 26.99 27.36
CA ASN A 170 9.54 27.66 27.32
C ASN A 170 8.79 27.15 26.11
N LEU A 171 7.66 26.48 26.34
CA LEU A 171 6.93 25.81 25.28
C LEU A 171 6.37 26.75 24.23
N SER A 172 6.23 28.02 24.54
CA SER A 172 5.71 28.98 23.60
C SER A 172 6.79 29.59 22.72
N ASN A 173 8.04 29.27 22.99
CA ASN A 173 9.15 29.87 22.26
C ASN A 173 10.36 28.96 22.28
N LEU A 174 10.38 27.97 21.40
CA LEU A 174 11.53 27.10 21.24
C LEU A 174 12.64 27.80 20.48
N SER A 175 13.87 27.65 20.97
CA SER A 175 15.04 28.09 20.25
C SER A 175 15.33 27.17 19.07
N THR A 176 16.23 27.61 18.19
CA THR A 176 16.61 26.77 17.04
C THR A 176 17.18 25.44 17.51
N SER A 177 18.03 25.47 18.55
CA SER A 177 18.62 24.24 19.06
C SER A 177 17.55 23.32 19.63
N GLU A 178 16.53 23.90 20.27
CA GLU A 178 15.45 23.10 20.82
C GLU A 178 14.61 22.48 19.72
N ARG A 179 14.33 23.25 18.67
CA ARG A 179 13.59 22.71 17.53
C ARG A 179 14.36 21.55 16.89
N GLU A 180 15.67 21.69 16.74
CA GLU A 180 16.48 20.61 16.18
C GLU A 180 16.47 19.38 17.08
N ALA A 181 16.47 19.58 18.39
CA ALA A 181 16.43 18.47 19.32
C ALA A 181 15.12 17.71 19.21
N VAL A 182 14.00 18.44 19.10
CA VAL A 182 12.73 17.75 18.92
C VAL A 182 12.74 16.92 17.63
N ALA A 183 13.24 17.49 16.54
CA ALA A 183 13.23 16.76 15.28
C ALA A 183 14.10 15.51 15.36
N ALA A 184 15.26 15.62 16.03
CA ALA A 184 16.14 14.48 16.15
C ALA A 184 15.51 13.39 17.01
N ALA A 185 14.77 13.80 18.05
CA ALA A 185 14.09 12.82 18.89
C ALA A 185 13.01 12.09 18.10
N VAL A 186 12.23 12.83 17.30
CA VAL A 186 11.21 12.21 16.48
C VAL A 186 11.84 11.26 15.47
N ARG A 187 12.95 11.67 14.86
CA ARG A 187 13.61 10.79 13.89
C ARG A 187 14.09 9.52 14.58
N ALA A 188 14.71 9.66 15.75
CA ALA A 188 15.23 8.48 16.44
C ALA A 188 14.13 7.50 16.79
N ALA A 189 12.92 7.99 17.09
CA ALA A 189 11.79 7.13 17.41
C ALA A 189 11.10 6.57 16.17
N ASN A 190 11.54 6.96 14.97
CA ASN A 190 10.83 6.63 13.72
C ASN A 190 11.82 6.22 12.64
N PRO A 191 12.56 5.13 12.87
CA PRO A 191 13.54 4.67 11.87
C PRO A 191 12.92 4.22 10.55
N ASN A 192 11.63 3.92 10.52
CA ASN A 192 10.99 3.38 9.33
C ASN A 192 10.46 4.45 8.39
N ILE A 193 10.34 5.70 8.85
CA ILE A 193 9.93 6.81 8.00
C ILE A 193 10.95 6.95 6.88
N PRO A 194 10.55 7.36 5.66
CA PRO A 194 11.54 7.48 4.57
C PRO A 194 12.69 8.38 4.97
N PRO A 195 13.93 7.97 4.70
CA PRO A 195 15.07 8.80 5.11
C PRO A 195 15.02 10.19 4.55
N THR A 196 14.40 10.40 3.38
CA THR A 196 14.35 11.72 2.78
C THR A 196 13.09 12.50 3.13
N ALA A 197 12.20 11.94 3.95
CA ALA A 197 11.16 12.75 4.56
C ALA A 197 11.81 13.82 5.43
N LYS A 198 11.18 14.98 5.50
CA LYS A 198 11.72 16.12 6.22
C LYS A 198 10.89 16.36 7.48
N ILE A 199 11.57 16.37 8.63
CA ILE A 199 10.94 16.59 9.93
C ILE A 199 11.29 18.01 10.35
N THR A 200 10.26 18.86 10.45
CA THR A 200 10.43 20.23 10.90
C THR A 200 9.59 20.49 12.13
N VAL A 201 10.07 21.40 12.97
CA VAL A 201 9.45 21.74 14.25
C VAL A 201 9.32 23.24 14.31
N SER A 202 8.13 23.71 14.69
CA SER A 202 7.86 25.15 14.74
C SER A 202 8.32 25.74 16.08
N GLN A 203 8.17 27.07 16.20
CA GLN A 203 8.59 27.75 17.42
C GLN A 203 7.77 27.37 18.63
N ASN A 204 6.61 26.73 18.46
CA ASN A 204 5.85 26.23 19.61
C ASN A 204 5.92 24.72 19.77
N GLY A 205 6.82 24.06 19.03
CA GLY A 205 7.02 22.64 19.17
C GLY A 205 6.18 21.74 18.29
N THR A 206 5.31 22.29 17.44
CA THR A 206 4.53 21.46 16.53
C THR A 206 5.44 20.81 15.51
N VAL A 207 5.27 19.49 15.32
CA VAL A 207 6.11 18.73 14.40
C VAL A 207 5.34 18.51 13.10
N THR A 208 6.02 18.72 11.98
CA THR A 208 5.50 18.37 10.66
C THR A 208 6.47 17.40 10.00
N ILE A 209 5.97 16.28 9.52
CA ILE A 209 6.74 15.33 8.73
C ILE A 209 6.24 15.47 7.31
N THR A 210 7.09 15.93 6.40
CA THR A 210 6.71 16.14 5.01
C THR A 210 7.35 15.00 4.21
N TYR A 211 6.51 14.15 3.62
CA TYR A 211 6.98 12.97 2.91
C TYR A 211 7.42 13.32 1.50
N PRO A 212 8.11 12.40 0.81
CA PRO A 212 8.56 12.69 -0.56
C PRO A 212 7.44 13.10 -1.52
N ASP A 213 6.22 12.59 -1.34
CA ASP A 213 5.11 12.99 -2.21
C ASP A 213 4.46 14.29 -1.74
N LYS A 214 5.05 14.94 -0.74
CA LYS A 214 4.66 16.24 -0.21
C LYS A 214 3.39 16.19 0.61
N SER A 215 2.86 15.00 0.89
CA SER A 215 1.86 14.87 1.94
C SER A 215 2.55 15.01 3.31
N THR A 216 1.76 15.20 4.35
CA THR A 216 2.30 15.51 5.66
C THR A 216 1.56 14.76 6.76
N ASP A 217 2.29 14.50 7.85
CA ASP A 217 1.74 14.14 9.13
C ASP A 217 2.14 15.26 10.08
N THR A 218 1.32 15.53 11.09
N THR A 218 1.31 15.51 11.08
CA THR A 218 1.67 16.48 12.12
CA THR A 218 1.59 16.47 12.13
C THR A 218 1.52 15.85 13.49
C THR A 218 1.57 15.77 13.48
N ILE A 219 2.37 16.26 14.41
CA ILE A 219 2.34 15.81 15.79
C ILE A 219 2.17 17.05 16.65
N PRO A 220 1.07 17.16 17.41
CA PRO A 220 0.92 18.29 18.33
C PRO A 220 2.06 18.38 19.32
N ALA A 221 2.41 19.62 19.67
CA ALA A 221 3.59 19.85 20.50
C ALA A 221 3.52 19.13 21.84
N ASN A 222 2.34 19.09 22.44
CA ASN A 222 2.30 18.57 23.81
C ASN A 222 2.48 17.06 23.87
N ARG A 223 2.60 16.39 22.72
CA ARG A 223 2.93 14.98 22.70
C ARG A 223 4.43 14.73 22.66
N VAL A 224 5.22 15.77 22.43
CA VAL A 224 6.65 15.61 22.21
C VAL A 224 7.52 16.59 23.00
N VAL A 225 6.90 17.65 23.53
CA VAL A 225 7.65 18.72 24.19
C VAL A 225 7.00 19.06 25.52
N LYS A 226 7.83 19.34 26.52
CA LYS A 226 7.37 19.80 27.82
C LYS A 226 8.34 20.88 28.29
N ASP A 227 7.91 21.71 29.23
CA ASP A 227 8.81 22.61 29.94
C ASP A 227 8.54 22.48 31.43
N LEU A 228 9.37 23.17 32.22
CA LEU A 228 9.25 23.16 33.67
C LEU A 228 8.81 24.51 34.20
N GLN A 229 8.01 25.25 33.41
CA GLN A 229 7.60 26.59 33.80
C GLN A 229 6.54 26.59 34.90
N ILE A 230 5.78 25.52 35.04
CA ILE A 230 4.68 25.46 36.00
C ILE A 230 5.17 24.82 37.29
N SER A 231 5.11 25.56 38.38
CA SER A 231 5.51 25.06 39.68
C SER A 231 4.50 24.03 40.19
NA NA B . -11.27 -26.53 -13.57
NA NA C . 0.59 8.95 8.74
C01 USR D . -11.59 4.20 -13.31
C02 USR D . -10.36 3.20 -13.29
C03 USR D . -9.64 3.35 -14.65
C07 USR D . -12.51 4.42 -12.12
C08 USR D . -12.18 5.18 -10.81
C09 USR D . -12.83 4.57 -9.60
C10 USR D . -14.05 3.80 -9.94
C11 USR D . -13.84 2.67 -10.91
C13 USR D . -13.07 1.52 -10.33
C16 USR D . -15.35 -0.13 -11.69
C17 USR D . -15.75 1.21 -12.15
C18 USR D . -16.18 1.43 -13.59
C19 USR D . -16.20 0.21 -14.46
C21 USR D . -15.46 -1.25 -12.73
C25 USR D . -15.77 -2.58 -12.09
C28 USR D . -10.23 6.88 -10.59
C29 USR D . -8.77 7.15 -10.18
C32 USR D . -17.39 -0.56 -16.34
N15 USR D . -10.75 5.51 -10.43
O04 USR D . -9.67 2.17 -15.39
O05 USR D . -10.64 1.84 -13.10
O06 USR D . -11.33 5.47 -13.75
O12 USR D . -13.04 3.09 -12.07
O14 USR D . -13.21 5.69 -8.73
O20 USR D . -16.56 -0.95 -13.63
O22 USR D . -17.24 0.42 -15.31
O23 USR D . -16.50 -0.19 -10.86
O24 USR D . -15.20 2.39 -11.40
O26 USR D . -15.88 -3.59 -13.04
O27 USR D . -15.60 2.57 -14.29
O30 USR D . -10.93 7.72 -11.06
O31 USR D . -8.60 8.53 -9.95
O33 USR D . -13.37 1.14 -9.18
O34 USR D . -12.13 0.93 -10.99
#